data_4O3V
#
_entry.id   4O3V
#
_cell.length_a   117.680
_cell.length_b   117.680
_cell.length_c   83.820
_cell.angle_alpha   90.000
_cell.angle_beta   90.000
_cell.angle_gamma   90.000
#
_symmetry.space_group_name_H-M   'P 41 21 2'
#
loop_
_entity.id
_entity.type
_entity.pdbx_description
1 polymer 'VirB8-like protein of type IV secretion system'
2 non-polymer 'S,R MESO-TARTARIC ACID'
3 water water
#
_entity_poly.entity_id   1
_entity_poly.type   'polypeptide(L)'
_entity_poly.pdbx_seq_one_letter_code
;MAHHHHHHMLPIQKKVGYLIKDDSEKQATITNTKYSTLANPYISVANIMLQNYVKQREKYNYDTLKEQFTFIKNASTSIV
YMQFANFMNIDNSLSPVIRYQKLYRRSINIISINNINNNEATVTFESLAQNNTGEILENMLWEAKIGFIMDSISTSTLHN
MPFHFIVTSYKLKLLRNKNQQ
;
_entity_poly.pdbx_strand_id   A,B
#
# COMPACT_ATOMS: atom_id res chain seq x y z
N ALA A 39 9.45 17.57 15.74
CA ALA A 39 9.71 18.57 14.66
C ALA A 39 11.14 18.71 14.17
N ASN A 40 12.06 17.83 14.58
CA ASN A 40 13.05 17.44 13.59
C ASN A 40 12.53 16.26 12.68
N PRO A 41 11.96 15.17 13.24
CA PRO A 41 11.34 14.16 12.33
C PRO A 41 9.88 14.43 11.88
N TYR A 42 9.27 15.55 12.27
CA TYR A 42 7.88 15.85 11.91
C TYR A 42 7.66 15.73 10.41
N ILE A 43 8.50 16.37 9.61
CA ILE A 43 8.29 16.33 8.16
C ILE A 43 8.53 14.91 7.59
N SER A 44 9.52 14.17 8.09
CA SER A 44 9.74 12.82 7.59
CA SER A 44 9.73 12.82 7.57
C SER A 44 8.50 11.94 7.86
N VAL A 45 7.88 12.15 9.00
CA VAL A 45 6.69 11.38 9.40
C VAL A 45 5.52 11.84 8.57
N ALA A 46 5.33 13.14 8.40
CA ALA A 46 4.22 13.63 7.58
C ALA A 46 4.32 13.08 6.17
N ASN A 47 5.53 12.98 5.63
CA ASN A 47 5.69 12.47 4.27
C ASN A 47 5.29 11.00 4.10
N ILE A 48 5.59 10.18 5.10
CA ILE A 48 5.08 8.82 5.14
C ILE A 48 3.54 8.79 5.12
N MET A 49 2.91 9.60 5.95
CA MET A 49 1.47 9.67 6.00
C MET A 49 0.86 10.23 4.70
N LEU A 50 1.47 11.28 4.14
CA LEU A 50 1.04 11.87 2.88
C LEU A 50 1.11 10.94 1.68
N GLN A 51 2.22 10.23 1.54
CA GLN A 51 2.35 9.24 0.47
CA GLN A 51 2.39 9.22 0.47
C GLN A 51 1.31 8.15 0.61
N ASN A 52 1.15 7.63 1.82
CA ASN A 52 0.14 6.62 2.08
C ASN A 52 -1.28 7.11 1.74
N TYR A 53 -1.60 8.34 2.15
CA TYR A 53 -2.93 8.90 1.90
C TYR A 53 -3.20 9.00 0.41
N VAL A 54 -2.24 9.52 -0.35
CA VAL A 54 -2.42 9.66 -1.80
C VAL A 54 -2.60 8.29 -2.47
N LYS A 55 -1.76 7.32 -2.09
CA LYS A 55 -1.85 5.97 -2.64
C LYS A 55 -3.22 5.36 -2.34
N GLN A 56 -3.73 5.48 -1.10
CA GLN A 56 -5.04 4.91 -0.77
C GLN A 56 -6.18 5.67 -1.42
N ARG A 57 -6.05 6.96 -1.55
CA ARG A 57 -7.15 7.74 -2.08
C ARG A 57 -7.27 7.59 -3.60
N GLU A 58 -6.14 7.55 -4.27
CA GLU A 58 -6.15 7.64 -5.73
C GLU A 58 -6.19 6.28 -6.43
N LYS A 59 -5.84 5.20 -5.74
CA LYS A 59 -5.94 3.88 -6.32
C LYS A 59 -7.40 3.53 -6.58
N TYR A 60 -7.62 2.58 -7.47
CA TYR A 60 -8.92 1.96 -7.62
C TYR A 60 -8.83 0.46 -7.72
N ASN A 61 -9.54 -0.17 -6.81
CA ASN A 61 -9.80 -1.57 -6.80
C ASN A 61 -11.24 -1.78 -6.31
N TYR A 62 -12.08 -2.28 -7.21
CA TYR A 62 -13.46 -2.54 -6.90
C TYR A 62 -13.60 -3.33 -5.59
N ASP A 63 -12.75 -4.34 -5.42
CA ASP A 63 -12.91 -5.27 -4.30
C ASP A 63 -12.65 -4.62 -2.93
N THR A 64 -11.95 -3.49 -2.91
CA THR A 64 -11.62 -2.87 -1.62
C THR A 64 -12.20 -1.45 -1.47
N LEU A 65 -13.29 -1.18 -2.18
CA LEU A 65 -13.95 0.13 -2.05
C LEU A 65 -14.37 0.44 -0.63
N LYS A 66 -14.94 -0.53 0.10
CA LYS A 66 -15.40 -0.24 1.46
C LYS A 66 -14.23 0.18 2.35
N GLU A 67 -13.13 -0.56 2.24
CA GLU A 67 -11.90 -0.26 3.00
C GLU A 67 -11.34 1.11 2.65
N GLN A 68 -11.38 1.46 1.37
CA GLN A 68 -10.90 2.75 0.91
C GLN A 68 -11.73 3.89 1.50
N PHE A 69 -13.05 3.75 1.46
CA PHE A 69 -13.92 4.78 2.07
C PHE A 69 -13.66 4.92 3.58
N THR A 70 -13.51 3.80 4.29
CA THR A 70 -13.17 3.83 5.72
C THR A 70 -11.89 4.61 5.98
N PHE A 71 -10.87 4.32 5.18
CA PHE A 71 -9.58 4.94 5.36
C PHE A 71 -9.73 6.46 5.19
N ILE A 72 -10.35 6.88 4.10
CA ILE A 72 -10.50 8.31 3.79
C ILE A 72 -11.37 9.01 4.84
N LYS A 73 -12.44 8.36 5.28
CA LYS A 73 -13.31 8.97 6.30
C LYS A 73 -12.54 9.17 7.58
N ASN A 74 -11.68 8.24 7.95
CA ASN A 74 -10.97 8.39 9.20
C ASN A 74 -9.72 9.26 9.11
N ALA A 75 -9.20 9.47 7.92
CA ALA A 75 -7.99 10.26 7.79
C ALA A 75 -8.25 11.70 7.26
N SER A 76 -9.51 12.11 7.19
CA SER A 76 -9.91 13.35 6.58
C SER A 76 -10.96 14.10 7.41
N THR A 77 -10.98 15.42 7.24
CA THR A 77 -12.13 16.19 7.80
C THR A 77 -13.40 15.77 7.09
N SER A 78 -14.52 16.11 7.67
CA SER A 78 -15.83 15.82 7.06
C SER A 78 -15.93 16.42 5.65
N ILE A 79 -15.52 17.66 5.50
CA ILE A 79 -15.58 18.36 4.19
C ILE A 79 -14.74 17.63 3.12
N VAL A 80 -13.54 17.24 3.49
CA VAL A 80 -12.67 16.50 2.58
C VAL A 80 -13.21 15.11 2.21
N TYR A 81 -13.76 14.39 3.20
CA TYR A 81 -14.34 13.13 2.95
C TYR A 81 -15.54 13.24 2.01
N MET A 82 -16.38 14.26 2.24
CA MET A 82 -17.54 14.45 1.37
CA MET A 82 -17.55 14.50 1.39
C MET A 82 -17.16 14.79 -0.07
N GLN A 83 -16.07 15.54 -0.26
CA GLN A 83 -15.53 15.76 -1.61
C GLN A 83 -15.14 14.44 -2.29
N PHE A 84 -14.48 13.56 -1.54
CA PHE A 84 -14.14 12.26 -2.04
C PHE A 84 -15.37 11.44 -2.38
N ALA A 85 -16.31 11.37 -1.46
CA ALA A 85 -17.53 10.61 -1.66
C ALA A 85 -18.35 11.11 -2.85
N ASN A 86 -18.44 12.43 -3.02
CA ASN A 86 -19.14 13.04 -4.15
C ASN A 86 -18.44 12.74 -5.49
N PHE A 87 -17.13 12.69 -5.47
CA PHE A 87 -16.37 12.26 -6.65
C PHE A 87 -16.64 10.79 -7.01
N MET A 88 -16.68 9.94 -5.99
CA MET A 88 -16.79 8.49 -6.17
C MET A 88 -18.22 8.07 -6.50
N ASN A 89 -19.18 8.90 -6.14
CA ASN A 89 -20.61 8.53 -6.22
C ASN A 89 -20.97 8.22 -7.70
N ILE A 90 -21.74 7.16 -7.95
CA ILE A 90 -22.08 6.79 -9.34
C ILE A 90 -22.87 7.86 -10.10
N ASP A 91 -23.43 8.85 -9.43
CA ASP A 91 -24.06 10.03 -10.05
CA ASP A 91 -24.06 9.91 -10.22
C ASP A 91 -23.02 10.90 -10.75
N ASN A 92 -21.74 10.78 -10.38
CA ASN A 92 -20.66 11.41 -11.16
C ASN A 92 -20.30 10.47 -12.34
N SER A 93 -20.54 10.89 -13.60
CA SER A 93 -20.15 10.08 -14.75
C SER A 93 -18.65 9.83 -14.85
N LEU A 94 -17.84 10.67 -14.22
CA LEU A 94 -16.38 10.47 -14.17
C LEU A 94 -15.91 9.67 -12.94
N SER A 95 -16.86 9.17 -12.14
CA SER A 95 -16.48 8.27 -11.05
C SER A 95 -15.69 7.03 -11.55
N PRO A 96 -14.62 6.65 -10.84
CA PRO A 96 -13.93 5.46 -11.24
C PRO A 96 -14.78 4.21 -11.16
N VAL A 97 -15.81 4.22 -10.30
CA VAL A 97 -16.70 3.09 -10.23
C VAL A 97 -17.37 2.88 -11.57
N ILE A 98 -17.77 3.99 -12.20
CA ILE A 98 -18.40 3.95 -13.53
C ILE A 98 -17.42 3.71 -14.65
N ARG A 99 -16.27 4.34 -14.54
CA ARG A 99 -15.24 4.23 -15.58
C ARG A 99 -14.52 2.90 -15.56
N TYR A 100 -14.24 2.34 -14.39
CA TYR A 100 -13.49 1.08 -14.27
C TYR A 100 -14.32 -0.18 -13.87
N GLN A 101 -15.40 0.04 -13.14
CA GLN A 101 -16.29 -1.02 -12.72
C GLN A 101 -15.54 -2.15 -12.01
N LYS A 102 -15.68 -3.41 -12.46
CA LYS A 102 -14.92 -4.51 -11.91
C LYS A 102 -13.76 -4.88 -12.84
N LEU A 103 -13.59 -4.14 -13.91
CA LEU A 103 -12.74 -4.61 -14.99
C LEU A 103 -11.29 -4.06 -14.91
N TYR A 104 -11.12 -2.89 -14.31
CA TYR A 104 -9.85 -2.22 -14.38
C TYR A 104 -9.40 -1.94 -12.95
N ARG A 105 -8.09 -1.91 -12.78
CA ARG A 105 -7.47 -1.38 -11.58
C ARG A 105 -6.70 -0.14 -11.90
N ARG A 106 -6.67 0.80 -10.96
CA ARG A 106 -5.84 1.99 -11.10
C ARG A 106 -4.78 1.95 -10.02
N SER A 107 -3.51 1.99 -10.44
CA SER A 107 -2.39 1.93 -9.51
C SER A 107 -1.66 3.27 -9.55
N ILE A 108 -0.89 3.53 -8.50
CA ILE A 108 -0.37 4.84 -8.23
C ILE A 108 1.12 4.74 -7.91
N ASN A 109 1.94 5.62 -8.48
CA ASN A 109 3.35 5.70 -8.10
C ASN A 109 3.64 7.12 -7.69
N ILE A 110 4.15 7.32 -6.47
CA ILE A 110 4.48 8.66 -5.99
C ILE A 110 5.82 9.08 -6.62
N ILE A 111 5.88 10.28 -7.20
CA ILE A 111 7.09 10.77 -7.86
C ILE A 111 7.88 11.66 -6.94
N SER A 112 7.20 12.59 -6.25
CA SER A 112 7.89 13.53 -5.38
C SER A 112 6.95 14.24 -4.43
N ILE A 113 7.55 14.83 -3.40
CA ILE A 113 6.82 15.62 -2.43
C ILE A 113 7.53 16.92 -2.21
N ASN A 114 6.79 18.02 -2.31
CA ASN A 114 7.32 19.33 -1.95
C ASN A 114 6.65 19.76 -0.66
N ASN A 115 7.43 19.92 0.40
CA ASN A 115 6.93 20.35 1.69
C ASN A 115 6.94 21.86 1.72
N ILE A 116 5.77 22.47 1.70
CA ILE A 116 5.67 23.92 1.68
C ILE A 116 5.85 24.50 3.08
N ASN A 117 5.17 23.94 4.08
CA ASN A 117 5.34 24.34 5.47
C ASN A 117 4.85 23.18 6.33
N ASN A 118 4.58 23.41 7.62
CA ASN A 118 4.20 22.31 8.48
C ASN A 118 2.83 21.72 8.18
N ASN A 119 2.04 22.37 7.31
CA ASN A 119 0.63 21.99 7.10
C ASN A 119 0.22 21.96 5.66
N GLU A 120 1.20 22.04 4.74
CA GLU A 120 0.92 22.04 3.31
C GLU A 120 2.02 21.33 2.56
N ALA A 121 1.62 20.53 1.60
CA ALA A 121 2.55 19.83 0.74
C ALA A 121 1.92 19.65 -0.64
N THR A 122 2.76 19.52 -1.65
CA THR A 122 2.32 19.12 -2.96
C THR A 122 2.93 17.77 -3.29
N VAL A 123 2.08 16.80 -3.57
CA VAL A 123 2.52 15.48 -3.96
C VAL A 123 2.31 15.25 -5.46
N THR A 124 3.39 14.89 -6.15
CA THR A 124 3.31 14.56 -7.57
C THR A 124 3.25 13.04 -7.69
N PHE A 125 2.32 12.54 -8.50
CA PHE A 125 2.16 11.10 -8.67
C PHE A 125 1.69 10.75 -10.06
N GLU A 126 1.96 9.50 -10.44
CA GLU A 126 1.47 8.95 -11.70
C GLU A 126 0.35 7.97 -11.42
N SER A 127 -0.66 7.99 -12.28
CA SER A 127 -1.72 7.01 -12.25
C SER A 127 -1.62 6.14 -13.50
N LEU A 128 -1.99 4.88 -13.34
CA LEU A 128 -2.00 3.90 -14.43
C LEU A 128 -3.22 3.01 -14.25
N ALA A 129 -4.10 2.98 -15.26
CA ALA A 129 -5.29 2.14 -15.21
C ALA A 129 -5.25 1.13 -16.31
N GLN A 130 -5.53 -0.12 -15.94
CA GLN A 130 -5.50 -1.24 -16.89
C GLN A 130 -6.34 -2.45 -16.45
N ASN A 131 -6.70 -3.24 -17.46
CA ASN A 131 -7.56 -4.42 -17.26
C ASN A 131 -6.68 -5.64 -16.98
N ASN A 132 -7.28 -6.83 -16.95
CA ASN A 132 -6.48 -8.05 -16.70
C ASN A 132 -5.62 -8.44 -17.92
N THR A 133 -6.01 -7.98 -19.11
CA THR A 133 -5.22 -8.17 -20.35
C THR A 133 -4.01 -7.24 -20.44
N GLY A 134 -3.97 -6.19 -19.62
CA GLY A 134 -2.92 -5.18 -19.72
C GLY A 134 -3.21 -4.05 -20.71
N GLU A 135 -4.45 -3.99 -21.24
CA GLU A 135 -4.94 -2.82 -21.98
C GLU A 135 -5.06 -1.56 -21.06
N ILE A 136 -4.41 -0.47 -21.48
CA ILE A 136 -4.26 0.76 -20.67
C ILE A 136 -5.33 1.81 -20.95
N LEU A 137 -6.22 2.02 -19.99
CA LEU A 137 -7.23 3.06 -20.11
C LEU A 137 -6.74 4.49 -19.76
N GLU A 138 -5.75 4.61 -18.87
CA GLU A 138 -5.22 5.92 -18.44
CA GLU A 138 -5.15 5.92 -18.60
C GLU A 138 -3.74 5.76 -18.05
N ASN A 139 -2.90 6.74 -18.41
CA ASN A 139 -1.58 6.88 -17.85
C ASN A 139 -1.28 8.38 -17.71
N MET A 140 -1.37 8.90 -16.48
CA MET A 140 -1.36 10.35 -16.27
C MET A 140 -0.43 10.77 -15.14
N LEU A 141 0.10 11.99 -15.25
CA LEU A 141 0.88 12.62 -14.18
C LEU A 141 0.03 13.72 -13.51
N TRP A 142 0.04 13.73 -12.19
CA TRP A 142 -0.87 14.52 -11.36
C TRP A 142 -0.13 15.23 -10.28
N GLU A 143 -0.73 16.33 -9.81
CA GLU A 143 -0.32 16.98 -8.56
C GLU A 143 -1.50 17.01 -7.59
N ALA A 144 -1.29 16.61 -6.33
CA ALA A 144 -2.24 16.88 -5.26
C ALA A 144 -1.66 17.94 -4.35
N LYS A 145 -2.37 19.05 -4.19
CA LYS A 145 -2.01 20.04 -3.20
C LYS A 145 -2.79 19.73 -1.95
N ILE A 146 -2.07 19.41 -0.87
CA ILE A 146 -2.67 18.85 0.33
C ILE A 146 -2.42 19.73 1.55
N GLY A 147 -3.50 20.03 2.26
CA GLY A 147 -3.45 20.66 3.58
C GLY A 147 -3.65 19.55 4.61
N PHE A 148 -2.90 19.58 5.69
CA PHE A 148 -2.98 18.52 6.69
C PHE A 148 -2.63 19.08 8.05
N ILE A 149 -3.02 18.34 9.07
CA ILE A 149 -2.67 18.59 10.45
C ILE A 149 -2.21 17.25 11.03
N MET A 150 -1.25 17.30 11.95
CA MET A 150 -0.65 16.11 12.49
C MET A 150 -0.18 16.35 13.88
N ASP A 151 -0.29 15.32 14.70
CA ASP A 151 0.24 15.41 16.05
C ASP A 151 1.73 15.76 16.07
N SER A 152 2.13 16.51 17.10
CA SER A 152 3.53 16.85 17.31
C SER A 152 4.25 15.57 17.81
N ILE A 153 5.54 15.49 17.51
CA ILE A 153 6.32 14.31 17.88
C ILE A 153 6.96 14.52 19.23
N SER A 154 6.73 13.62 20.18
CA SER A 154 7.30 13.77 21.50
C SER A 154 8.83 13.66 21.52
N THR A 155 9.46 14.29 22.53
CA THR A 155 10.92 14.17 22.81
C THR A 155 11.26 12.82 23.44
N ASN A 160 -1.36 0.82 23.36
CA ASN A 160 -1.87 1.59 22.24
C ASN A 160 -1.16 2.93 22.14
N MET A 161 -0.78 3.30 20.95
CA MET A 161 0.12 4.42 20.76
C MET A 161 -0.53 5.31 19.74
N PRO A 162 -1.50 6.14 20.18
CA PRO A 162 -2.32 6.87 19.20
C PRO A 162 -1.50 8.01 18.58
N PHE A 163 -1.66 8.22 17.29
CA PHE A 163 -0.95 9.28 16.63
C PHE A 163 -1.85 9.74 15.50
N HIS A 164 -2.25 11.00 15.53
CA HIS A 164 -3.26 11.46 14.57
C HIS A 164 -2.70 12.23 13.42
N PHE A 165 -3.27 12.00 12.24
CA PHE A 165 -2.93 12.66 10.99
C PHE A 165 -4.25 12.84 10.24
N ILE A 166 -4.56 14.09 9.86
CA ILE A 166 -5.85 14.40 9.21
C ILE A 166 -5.60 15.32 8.03
N VAL A 167 -6.13 14.96 6.86
CA VAL A 167 -6.10 15.80 5.69
C VAL A 167 -7.25 16.84 5.75
N THR A 168 -6.89 18.10 5.61
CA THR A 168 -7.85 19.21 5.72
C THR A 168 -8.19 19.89 4.40
N SER A 169 -7.40 19.61 3.38
CA SER A 169 -7.62 20.15 2.04
CA SER A 169 -7.70 20.09 2.02
C SER A 169 -6.96 19.21 1.01
N TYR A 170 -7.61 18.97 -0.12
CA TYR A 170 -7.06 18.08 -1.11
C TYR A 170 -7.55 18.52 -2.47
N LYS A 171 -6.63 19.00 -3.29
CA LYS A 171 -6.99 19.52 -4.62
C LYS A 171 -6.06 18.94 -5.69
N LEU A 172 -6.64 18.40 -6.75
CA LEU A 172 -5.90 17.75 -7.83
C LEU A 172 -5.71 18.65 -9.02
N LYS A 173 -4.59 18.49 -9.71
CA LYS A 173 -4.36 19.17 -10.98
C LYS A 173 -3.70 18.15 -11.90
N LEU A 174 -4.24 17.97 -13.10
CA LEU A 174 -3.65 17.10 -14.11
C LEU A 174 -2.49 17.85 -14.74
N LEU A 175 -1.29 17.26 -14.68
CA LEU A 175 -0.12 17.87 -15.30
C LEU A 175 0.04 17.41 -16.75
N ARG A 176 -0.26 16.14 -17.01
CA ARG A 176 0.13 15.55 -18.29
C ARG A 176 -0.56 14.22 -18.52
N ASN A 177 -1.07 14.07 -19.72
CA ASN A 177 -1.61 12.82 -20.15
C ASN A 177 -0.49 12.13 -20.94
N LYS A 178 0.11 11.10 -20.34
CA LYS A 178 1.27 10.43 -20.95
C LYS A 178 0.89 9.46 -22.07
N ASN A 179 -0.41 9.25 -22.32
CA ASN A 179 -0.86 8.62 -23.56
C ASN A 179 -0.89 9.65 -24.69
N GLN A 180 -1.93 10.47 -24.71
CA GLN A 180 -2.17 11.43 -25.80
C GLN A 180 -1.20 12.61 -25.76
N ALA B 39 3.26 13.25 20.76
CA ALA B 39 2.77 11.86 20.61
C ALA B 39 3.88 11.06 19.91
N ASN B 40 3.81 9.75 20.02
CA ASN B 40 4.80 8.83 19.47
C ASN B 40 4.25 8.15 18.21
N PRO B 41 4.85 8.46 17.04
CA PRO B 41 4.37 7.93 15.77
C PRO B 41 4.88 6.54 15.41
N TYR B 42 5.66 5.92 16.28
CA TYR B 42 6.32 4.67 15.94
C TYR B 42 5.39 3.61 15.41
N ILE B 43 4.31 3.31 16.12
CA ILE B 43 3.41 2.23 15.71
C ILE B 43 2.66 2.62 14.43
N SER B 44 2.20 3.86 14.35
CA SER B 44 1.47 4.31 13.16
CA SER B 44 1.49 4.36 13.17
C SER B 44 2.36 4.22 11.90
N VAL B 45 3.64 4.59 12.01
CA VAL B 45 4.55 4.47 10.89
C VAL B 45 4.87 3.00 10.60
N ALA B 46 5.16 2.23 11.64
CA ALA B 46 5.47 0.83 11.47
C ALA B 46 4.33 0.12 10.76
N ASN B 47 3.11 0.50 11.08
CA ASN B 47 1.97 -0.14 10.41
C ASN B 47 1.92 0.08 8.93
N ILE B 48 2.31 1.28 8.50
CA ILE B 48 2.42 1.55 7.07
C ILE B 48 3.55 0.71 6.45
N MET B 49 4.67 0.60 7.15
CA MET B 49 5.81 -0.23 6.66
C MET B 49 5.42 -1.71 6.57
N LEU B 50 4.71 -2.21 7.57
CA LEU B 50 4.28 -3.61 7.63
C LEU B 50 3.28 -3.94 6.50
N GLN B 51 2.30 -3.07 6.30
CA GLN B 51 1.38 -3.16 5.16
C GLN B 51 2.14 -3.27 3.82
N ASN B 52 3.08 -2.36 3.60
CA ASN B 52 3.82 -2.33 2.34
CA ASN B 52 3.85 -2.34 2.36
C ASN B 52 4.71 -3.61 2.20
N TYR B 53 5.36 -4.04 3.29
CA TYR B 53 6.24 -5.21 3.28
C TYR B 53 5.46 -6.47 2.92
N VAL B 54 4.31 -6.66 3.58
CA VAL B 54 3.43 -7.80 3.24
C VAL B 54 2.98 -7.77 1.78
N LYS B 55 2.50 -6.63 1.33
CA LYS B 55 2.11 -6.50 -0.08
C LYS B 55 3.28 -6.85 -1.07
N GLN B 56 4.44 -6.28 -0.82
CA GLN B 56 5.58 -6.51 -1.69
C GLN B 56 6.08 -7.98 -1.64
N ARG B 57 6.03 -8.56 -0.46
CA ARG B 57 6.50 -9.91 -0.27
C ARG B 57 5.56 -10.94 -0.89
N GLU B 58 4.26 -10.72 -0.73
CA GLU B 58 3.27 -11.73 -1.06
C GLU B 58 2.68 -11.62 -2.47
N LYS B 59 2.76 -10.46 -3.07
CA LYS B 59 2.23 -10.32 -4.40
C LYS B 59 3.14 -11.05 -5.40
N TYR B 60 2.59 -11.35 -6.57
CA TYR B 60 3.40 -11.90 -7.65
C TYR B 60 3.09 -11.21 -8.96
N ASN B 61 4.15 -10.66 -9.57
CA ASN B 61 4.16 -10.11 -10.90
C ASN B 61 5.51 -10.44 -11.52
N TYR B 62 5.47 -11.28 -12.54
CA TYR B 62 6.70 -11.75 -13.21
C TYR B 62 7.59 -10.57 -13.58
N ASP B 63 6.96 -9.51 -14.07
CA ASP B 63 7.70 -8.40 -14.63
C ASP B 63 8.45 -7.59 -13.56
N THR B 64 8.09 -7.73 -12.29
CA THR B 64 8.76 -6.96 -11.27
C THR B 64 9.49 -7.84 -10.22
N LEU B 65 9.84 -9.07 -10.60
CA LEU B 65 10.55 -9.99 -9.72
C LEU B 65 11.88 -9.40 -9.20
N LYS B 66 12.67 -8.76 -10.07
CA LYS B 66 13.94 -8.20 -9.63
C LYS B 66 13.76 -7.14 -8.56
N GLU B 67 12.82 -6.23 -8.81
CA GLU B 67 12.50 -5.21 -7.86
C GLU B 67 11.96 -5.79 -6.55
N GLN B 68 11.09 -6.79 -6.63
CA GLN B 68 10.58 -7.42 -5.42
C GLN B 68 11.75 -8.01 -4.57
N PHE B 69 12.64 -8.77 -5.21
CA PHE B 69 13.79 -9.32 -4.48
C PHE B 69 14.67 -8.24 -3.82
N THR B 70 14.95 -7.15 -4.55
CA THR B 70 15.71 -6.05 -4.00
C THR B 70 15.04 -5.45 -2.78
N PHE B 71 13.73 -5.27 -2.86
CA PHE B 71 12.99 -4.69 -1.79
C PHE B 71 13.09 -5.59 -0.53
N ILE B 72 12.88 -6.88 -0.72
CA ILE B 72 12.89 -7.79 0.40
C ILE B 72 14.29 -7.88 1.00
N LYS B 73 15.31 -7.87 0.17
CA LYS B 73 16.70 -7.91 0.62
C LYS B 73 17.03 -6.70 1.49
N ASN B 74 16.54 -5.53 1.11
CA ASN B 74 16.87 -4.35 1.87
C ASN B 74 15.96 -4.10 3.05
N ALA B 75 14.85 -4.81 3.13
CA ALA B 75 13.94 -4.63 4.24
C ALA B 75 13.93 -5.78 5.27
N SER B 76 14.86 -6.72 5.13
CA SER B 76 14.89 -7.93 5.94
C SER B 76 16.29 -8.23 6.43
N THR B 77 16.38 -8.96 7.53
CA THR B 77 17.64 -9.59 7.92
C THR B 77 18.05 -10.60 6.85
N SER B 78 19.33 -10.98 6.86
CA SER B 78 19.80 -12.02 5.97
C SER B 78 18.98 -13.31 6.06
N ILE B 79 18.73 -13.76 7.30
CA ILE B 79 17.97 -14.99 7.51
C ILE B 79 16.55 -14.90 6.88
N VAL B 80 15.89 -13.77 7.07
CA VAL B 80 14.54 -13.61 6.55
C VAL B 80 14.55 -13.54 5.03
N TYR B 81 15.53 -12.81 4.48
CA TYR B 81 15.68 -12.72 3.04
C TYR B 81 15.91 -14.13 2.44
N MET B 82 16.79 -14.93 3.06
CA MET B 82 17.09 -16.28 2.56
CA MET B 82 17.08 -16.25 2.49
C MET B 82 15.86 -17.18 2.58
N GLN B 83 15.02 -17.00 3.59
CA GLN B 83 13.76 -17.73 3.65
C GLN B 83 12.85 -17.38 2.47
N PHE B 84 12.75 -16.10 2.17
CA PHE B 84 12.00 -15.68 0.98
C PHE B 84 12.63 -16.24 -0.29
N ALA B 85 13.93 -16.07 -0.44
CA ALA B 85 14.60 -16.51 -1.66
C ALA B 85 14.48 -18.02 -1.90
N ASN B 86 14.57 -18.82 -0.84
CA ASN B 86 14.41 -20.24 -0.93
C ASN B 86 12.98 -20.65 -1.28
N PHE B 87 12.00 -19.91 -0.80
CA PHE B 87 10.61 -20.13 -1.17
C PHE B 87 10.39 -19.84 -2.66
N MET B 88 10.99 -18.75 -3.15
CA MET B 88 10.78 -18.30 -4.51
C MET B 88 11.56 -19.12 -5.55
N ASN B 89 12.64 -19.76 -5.11
CA ASN B 89 13.54 -20.49 -6.00
C ASN B 89 12.76 -21.52 -6.78
N ILE B 90 13.03 -21.65 -8.08
CA ILE B 90 12.30 -22.60 -8.90
C ILE B 90 12.51 -24.06 -8.50
N ASP B 91 13.56 -24.35 -7.72
CA ASP B 91 13.76 -25.67 -7.15
CA ASP B 91 13.69 -25.73 -7.21
C ASP B 91 12.62 -26.01 -6.14
N ASN B 92 11.90 -24.98 -5.66
CA ASN B 92 10.67 -25.19 -4.87
C ASN B 92 9.48 -25.35 -5.82
N SER B 93 8.87 -26.54 -5.88
CA SER B 93 7.74 -26.75 -6.80
C SER B 93 6.53 -25.89 -6.46
N LEU B 94 6.48 -25.38 -5.24
CA LEU B 94 5.43 -24.45 -4.82
C LEU B 94 5.78 -22.95 -4.99
N SER B 95 6.91 -22.65 -5.60
CA SER B 95 7.24 -21.28 -5.96
C SER B 95 6.17 -20.69 -6.87
N PRO B 96 5.77 -19.43 -6.63
CA PRO B 96 4.89 -18.77 -7.53
C PRO B 96 5.45 -18.59 -8.93
N VAL B 97 6.77 -18.55 -9.05
CA VAL B 97 7.36 -18.46 -10.37
C VAL B 97 7.00 -19.68 -11.17
N ILE B 98 6.96 -20.83 -10.52
CA ILE B 98 6.56 -22.08 -11.19
C ILE B 98 5.05 -22.19 -11.37
N ARG B 99 4.30 -21.71 -10.40
CA ARG B 99 2.85 -21.80 -10.44
C ARG B 99 2.14 -20.72 -11.30
N TYR B 100 2.64 -19.49 -11.31
CA TYR B 100 2.01 -18.41 -12.09
C TYR B 100 2.80 -17.98 -13.37
N GLN B 101 4.10 -18.26 -13.39
CA GLN B 101 4.98 -17.99 -14.52
C GLN B 101 4.84 -16.55 -15.05
N LYS B 102 4.54 -16.39 -16.34
CA LYS B 102 4.37 -15.06 -16.96
C LYS B 102 2.88 -14.69 -17.03
N LEU B 103 2.03 -15.66 -16.73
CA LEU B 103 0.62 -15.53 -17.04
C LEU B 103 -0.10 -14.75 -15.95
N TYR B 104 -0.03 -15.26 -14.73
CA TYR B 104 -0.93 -14.84 -13.67
C TYR B 104 -0.26 -13.81 -12.77
N ARG B 105 -1.10 -12.99 -12.14
CA ARG B 105 -0.69 -12.10 -11.08
C ARG B 105 -1.35 -12.53 -9.79
N ARG B 106 -0.65 -12.34 -8.71
CA ARG B 106 -1.22 -12.54 -7.41
C ARG B 106 -1.30 -11.17 -6.76
N SER B 107 -2.49 -10.80 -6.28
CA SER B 107 -2.66 -9.54 -5.59
C SER B 107 -3.04 -9.76 -4.15
N ILE B 108 -2.83 -8.71 -3.36
CA ILE B 108 -2.87 -8.81 -1.91
C ILE B 108 -3.66 -7.62 -1.36
N ASN B 109 -4.61 -7.91 -0.50
CA ASN B 109 -5.34 -6.90 0.27
C ASN B 109 -5.12 -7.14 1.75
N ILE B 110 -4.71 -6.10 2.47
CA ILE B 110 -4.50 -6.19 3.90
C ILE B 110 -5.85 -6.07 4.60
N ILE B 111 -6.13 -6.96 5.55
CA ILE B 111 -7.44 -6.98 6.26
C ILE B 111 -7.26 -6.26 7.61
N SER B 112 -6.22 -6.62 8.36
CA SER B 112 -6.05 -6.03 9.67
C SER B 112 -4.63 -6.21 10.16
N ILE B 113 -4.27 -5.41 11.16
CA ILE B 113 -2.96 -5.55 11.82
C ILE B 113 -3.19 -5.55 13.31
N ASN B 114 -2.68 -6.56 14.01
CA ASN B 114 -2.66 -6.57 15.46
C ASN B 114 -1.23 -6.26 15.96
N ASN B 115 -1.08 -5.12 16.63
CA ASN B 115 0.20 -4.71 17.21
C ASN B 115 0.36 -5.35 18.61
N ILE B 116 1.29 -6.28 18.74
CA ILE B 116 1.53 -6.98 20.00
C ILE B 116 2.48 -6.15 20.89
N ASN B 117 3.58 -5.65 20.34
CA ASN B 117 4.50 -4.77 21.10
C ASN B 117 5.34 -4.00 20.07
N ASN B 118 6.43 -3.35 20.48
CA ASN B 118 7.20 -2.56 19.55
C ASN B 118 7.86 -3.39 18.45
N ASN B 119 7.95 -4.70 18.63
CA ASN B 119 8.71 -5.54 17.70
C ASN B 119 7.96 -6.72 17.09
N GLU B 120 6.64 -6.79 17.31
CA GLU B 120 5.85 -7.89 16.85
C GLU B 120 4.46 -7.44 16.45
N ALA B 121 4.01 -7.93 15.31
CA ALA B 121 2.67 -7.68 14.82
C ALA B 121 2.17 -8.90 14.04
N THR B 122 0.86 -9.06 14.00
CA THR B 122 0.22 -10.06 13.14
C THR B 122 -0.62 -9.35 12.11
N VAL B 123 -0.33 -9.62 10.83
CA VAL B 123 -0.99 -8.97 9.72
C VAL B 123 -1.86 -10.03 9.05
N THR B 124 -3.16 -9.77 8.97
CA THR B 124 -4.08 -10.66 8.29
C THR B 124 -4.30 -10.10 6.91
N PHE B 125 -4.22 -10.95 5.89
CA PHE B 125 -4.38 -10.49 4.49
C PHE B 125 -5.02 -11.54 3.61
N GLU B 126 -5.56 -11.13 2.47
CA GLU B 126 -6.12 -12.05 1.51
CA GLU B 126 -6.15 -12.02 1.49
C GLU B 126 -5.30 -11.99 0.22
N SER B 127 -5.11 -13.15 -0.37
CA SER B 127 -4.45 -13.24 -1.65
C SER B 127 -5.49 -13.60 -2.71
N LEU B 128 -5.24 -13.14 -3.92
CA LEU B 128 -6.12 -13.42 -5.06
C LEU B 128 -5.27 -13.60 -6.28
N ALA B 129 -5.40 -14.75 -6.96
CA ALA B 129 -4.65 -14.98 -8.19
C ALA B 129 -5.60 -15.16 -9.34
N GLN B 130 -5.26 -14.54 -10.45
CA GLN B 130 -6.05 -14.57 -11.70
C GLN B 130 -5.14 -14.43 -12.93
N ASN B 131 -5.62 -15.00 -14.02
CA ASN B 131 -4.94 -14.95 -15.31
C ASN B 131 -5.30 -13.67 -16.09
N ASN B 132 -4.75 -13.53 -17.30
CA ASN B 132 -5.14 -12.49 -18.25
C ASN B 132 -6.68 -12.34 -18.39
N THR B 133 -7.41 -13.46 -18.37
CA THR B 133 -8.87 -13.44 -18.56
C THR B 133 -9.71 -13.61 -17.27
N GLY B 134 -9.08 -13.44 -16.10
CA GLY B 134 -9.81 -13.38 -14.83
C GLY B 134 -10.51 -14.66 -14.33
N GLU B 135 -9.96 -15.82 -14.68
CA GLU B 135 -10.27 -17.06 -13.97
C GLU B 135 -9.48 -17.08 -12.63
N ILE B 136 -10.19 -17.34 -11.51
CA ILE B 136 -9.61 -17.35 -10.14
C ILE B 136 -8.87 -18.65 -9.79
N LEU B 137 -7.55 -18.58 -9.77
CA LEU B 137 -6.70 -19.70 -9.36
C LEU B 137 -6.56 -19.87 -7.82
N GLU B 138 -6.68 -18.77 -7.06
CA GLU B 138 -6.47 -18.79 -5.60
CA GLU B 138 -6.56 -18.83 -5.61
C GLU B 138 -7.24 -17.63 -4.98
N ASN B 139 -7.92 -17.88 -3.88
CA ASN B 139 -8.46 -16.81 -3.03
C ASN B 139 -8.41 -17.31 -1.60
N MET B 140 -7.43 -16.83 -0.83
CA MET B 140 -7.09 -17.37 0.49
C MET B 140 -6.88 -16.28 1.53
N LEU B 141 -7.15 -16.61 2.78
CA LEU B 141 -6.99 -15.70 3.90
C LEU B 141 -5.81 -16.22 4.67
N TRP B 142 -4.89 -15.31 5.00
CA TRP B 142 -3.62 -15.62 5.62
C TRP B 142 -3.36 -14.76 6.83
N GLU B 143 -2.47 -15.27 7.67
CA GLU B 143 -1.89 -14.51 8.74
C GLU B 143 -0.37 -14.50 8.57
N ALA B 144 0.26 -13.34 8.64
CA ALA B 144 1.73 -13.25 8.81
C ALA B 144 2.08 -12.77 10.21
N LYS B 145 2.85 -13.57 10.95
CA LYS B 145 3.36 -13.12 12.24
C LYS B 145 4.73 -12.55 11.97
N ILE B 146 4.90 -11.28 12.29
CA ILE B 146 6.08 -10.53 11.86
C ILE B 146 6.79 -9.96 13.05
N GLY B 147 8.09 -10.21 13.11
CA GLY B 147 8.99 -9.54 14.01
C GLY B 147 9.70 -8.45 13.23
N PHE B 148 9.89 -7.29 13.85
CA PHE B 148 10.52 -6.16 13.16
C PHE B 148 11.19 -5.22 14.15
N ILE B 149 11.99 -4.30 13.61
CA ILE B 149 12.54 -3.18 14.36
C ILE B 149 12.58 -1.99 13.43
N MET B 150 12.49 -0.80 14.02
CA MET B 150 12.61 0.46 13.34
C MET B 150 13.22 1.43 14.30
N ASP B 151 13.80 2.51 13.80
CA ASP B 151 14.33 3.59 14.65
C ASP B 151 13.25 4.13 15.58
N SER B 152 13.64 4.53 16.78
CA SER B 152 12.83 5.44 17.60
C SER B 152 12.66 6.71 16.81
N ILE B 153 11.45 7.24 16.85
CA ILE B 153 11.17 8.49 16.19
C ILE B 153 10.86 9.47 17.28
N SER B 154 11.69 10.46 17.43
CA SER B 154 11.50 11.39 18.53
C SER B 154 12.19 12.69 18.19
N THR B 155 11.78 13.75 18.87
CA THR B 155 12.29 15.08 18.62
C THR B 155 13.48 15.38 19.55
N SER B 156 14.48 16.09 19.01
CA SER B 156 15.60 16.67 19.79
C SER B 156 16.53 15.57 20.27
N HIS B 159 18.95 3.01 -0.38
CA HIS B 159 18.24 1.75 -0.40
C HIS B 159 17.73 1.28 0.99
N ASN B 160 17.96 2.07 2.04
CA ASN B 160 17.37 1.79 3.37
C ASN B 160 15.89 2.11 3.36
N MET B 161 15.18 1.44 4.25
CA MET B 161 13.78 1.71 4.48
C MET B 161 13.68 2.99 5.29
N PRO B 162 12.53 3.68 5.20
CA PRO B 162 12.33 4.81 6.11
C PRO B 162 12.58 4.37 7.52
N PHE B 163 13.26 5.20 8.30
CA PHE B 163 13.53 4.94 9.70
C PHE B 163 14.22 3.58 9.93
N HIS B 164 14.92 3.07 8.92
CA HIS B 164 15.64 1.79 8.96
C HIS B 164 14.79 0.61 9.39
N PHE B 165 13.52 0.59 8.96
CA PHE B 165 12.62 -0.49 9.20
C PHE B 165 13.19 -1.81 8.64
N ILE B 166 13.18 -2.86 9.46
CA ILE B 166 13.70 -4.19 9.06
CA ILE B 166 13.66 -4.17 9.03
C ILE B 166 12.82 -5.28 9.65
N VAL B 167 12.57 -6.31 8.87
CA VAL B 167 11.81 -7.47 9.33
C VAL B 167 12.82 -8.53 9.79
N THR B 168 12.68 -8.97 11.05
CA THR B 168 13.54 -9.93 11.68
C THR B 168 12.96 -11.33 11.79
N SER B 169 11.65 -11.49 11.55
CA SER B 169 10.99 -12.80 11.57
CA SER B 169 11.04 -12.82 11.46
C SER B 169 9.72 -12.69 10.74
N TYR B 170 9.39 -13.73 9.99
CA TYR B 170 8.16 -13.67 9.17
C TYR B 170 7.67 -15.07 8.98
N LYS B 171 6.52 -15.38 9.56
CA LYS B 171 5.95 -16.72 9.48
C LYS B 171 4.48 -16.67 9.04
N LEU B 172 4.12 -17.47 8.06
CA LEU B 172 2.80 -17.47 7.48
C LEU B 172 1.95 -18.57 8.06
N LYS B 173 0.66 -18.33 8.18
CA LYS B 173 -0.29 -19.38 8.49
C LYS B 173 -1.50 -19.20 7.56
N LEU B 174 -1.90 -20.27 6.88
CA LEU B 174 -3.14 -20.23 6.09
C LEU B 174 -4.36 -20.33 7.01
N LEU B 175 -5.25 -19.33 6.96
CA LEU B 175 -6.43 -19.35 7.80
C LEU B 175 -7.60 -20.05 7.10
N ARG B 176 -7.81 -19.76 5.82
CA ARG B 176 -8.99 -20.25 5.13
CA ARG B 176 -8.99 -20.25 5.11
C ARG B 176 -8.79 -20.18 3.61
N ASN B 177 -9.23 -21.22 2.92
CA ASN B 177 -9.33 -21.18 1.49
C ASN B 177 -10.74 -20.68 1.17
N LYS B 178 -10.84 -19.44 0.71
CA LYS B 178 -12.13 -18.85 0.45
C LYS B 178 -12.76 -19.38 -0.83
N ASN B 179 -11.99 -20.11 -1.64
CA ASN B 179 -12.49 -20.66 -2.89
C ASN B 179 -13.12 -22.04 -2.66
N GLN B 180 -12.30 -23.03 -2.28
CA GLN B 180 -12.78 -24.35 -1.86
C GLN B 180 -12.50 -24.58 -0.37
#